data_3PM2
#
_entry.id   3PM2
#
_cell.length_a   36.289
_cell.length_b   36.289
_cell.length_c   263.541
_cell.angle_alpha   90.00
_cell.angle_beta   90.00
_cell.angle_gamma   90.00
#
_symmetry.space_group_name_H-M   'P 41 21 2'
#
loop_
_entity.id
_entity.type
_entity.pdbx_description
1 polymer 'Odorant binding protein (AGAP007287-PA)'
2 water water
#
_entity_poly.entity_id   1
_entity_poly.type   'polypeptide(L)'
_entity_poly.pdbx_seq_one_letter_code
;MDNPCLKGPPVPKNAAECCVTPFLVEPSAFMTCHSKWIGQTKRQMAMEGIPRGCCVAECVMNSTSLYSNGKIDREALTKL
YLDSTKSMAPEWNKITLDAIDGCFKMADSIKDEIEAGAKLTPAFEGEQICHPISGTILACMGMTLFAECPAKLFTVNDDC
NKLKSYHSKCPFL
;
_entity_poly.pdbx_strand_id   A
#
# COMPACT_ATOMS: atom_id res chain seq x y z
N MET A 1 -15.87 -14.12 -4.58
CA MET A 1 -14.70 -14.83 -5.10
C MET A 1 -13.64 -15.01 -4.03
N ASP A 2 -12.70 -15.96 -4.27
CA ASP A 2 -11.58 -16.21 -3.38
C ASP A 2 -10.64 -15.00 -3.48
N ASN A 3 -10.13 -14.51 -2.33
CA ASN A 3 -9.26 -13.34 -2.38
C ASN A 3 -7.96 -13.66 -3.12
N PRO A 4 -7.65 -12.97 -4.25
CA PRO A 4 -6.43 -13.31 -4.99
C PRO A 4 -5.17 -13.07 -4.18
N CYS A 5 -5.24 -12.17 -3.21
CA CYS A 5 -4.08 -11.79 -2.42
C CYS A 5 -3.68 -12.81 -1.37
N LEU A 6 -4.57 -13.81 -1.12
CA LEU A 6 -4.31 -14.93 -0.22
C LEU A 6 -3.17 -15.80 -0.78
N LYS A 7 -2.99 -15.83 -2.12
CA LYS A 7 -1.98 -16.66 -2.76
C LYS A 7 -0.56 -16.20 -2.47
N GLY A 8 -0.42 -14.91 -2.16
CA GLY A 8 0.89 -14.28 -1.95
C GLY A 8 1.52 -14.03 -3.31
N PRO A 9 2.63 -13.25 -3.40
CA PRO A 9 3.26 -13.03 -4.72
C PRO A 9 3.67 -14.34 -5.41
N PRO A 10 3.46 -14.52 -6.74
CA PRO A 10 3.80 -15.79 -7.41
C PRO A 10 5.28 -16.18 -7.40
N VAL A 11 6.15 -15.20 -7.20
CA VAL A 11 7.60 -15.40 -7.12
C VAL A 11 8.14 -14.63 -5.93
N PRO A 12 9.14 -15.16 -5.20
CA PRO A 12 9.70 -14.43 -4.06
C PRO A 12 10.60 -13.26 -4.45
N LYS A 13 10.84 -13.04 -5.77
CA LYS A 13 11.66 -11.95 -6.31
C LYS A 13 11.26 -10.61 -5.69
N ASN A 14 12.28 -9.89 -5.19
CA ASN A 14 12.14 -8.57 -4.56
C ASN A 14 11.70 -7.59 -5.65
N ALA A 15 10.61 -6.84 -5.41
CA ALA A 15 10.05 -5.92 -6.40
C ALA A 15 11.05 -4.87 -6.90
N ALA A 16 11.98 -4.43 -6.03
CA ALA A 16 13.04 -3.46 -6.34
C ALA A 16 13.90 -3.95 -7.52
N GLU A 17 13.96 -5.26 -7.73
CA GLU A 17 14.69 -5.85 -8.85
C GLU A 17 13.93 -5.74 -10.18
N CYS A 18 12.64 -5.35 -10.13
CA CYS A 18 11.80 -5.11 -11.30
C CYS A 18 11.78 -3.62 -11.61
N CYS A 19 11.63 -2.78 -10.58
CA CYS A 19 11.60 -1.31 -10.72
C CYS A 19 11.93 -0.68 -9.38
N VAL A 20 12.77 0.38 -9.40
CA VAL A 20 13.08 1.14 -8.20
C VAL A 20 12.01 2.23 -8.14
N THR A 21 11.15 2.18 -7.13
CA THR A 21 10.01 3.10 -7.02
C THR A 21 10.18 4.10 -5.86
N PRO A 22 9.47 5.25 -5.89
CA PRO A 22 9.50 6.16 -4.74
C PRO A 22 8.92 5.46 -3.50
N PHE A 23 9.26 5.98 -2.33
CA PHE A 23 8.74 5.41 -1.07
C PHE A 23 8.40 6.52 -0.10
N LEU A 24 7.62 6.18 0.91
CA LEU A 24 7.18 7.09 1.97
C LEU A 24 7.91 6.73 3.30
N VAL A 25 8.42 5.50 3.40
CA VAL A 25 9.09 4.97 4.58
C VAL A 25 10.29 4.14 4.17
N GLU A 26 11.39 4.18 4.95
CA GLU A 26 12.59 3.41 4.70
C GLU A 26 12.27 1.91 4.90
N PRO A 27 12.86 0.97 4.11
CA PRO A 27 12.55 -0.46 4.28
C PRO A 27 12.58 -1.03 5.69
N SER A 28 13.52 -0.55 6.54
CA SER A 28 13.66 -1.02 7.92
C SER A 28 12.37 -0.75 8.71
N ALA A 29 11.84 0.48 8.62
CA ALA A 29 10.61 0.88 9.32
C ALA A 29 9.41 0.10 8.76
N PHE A 30 9.39 -0.18 7.46
CA PHE A 30 8.32 -0.97 6.87
C PHE A 30 8.36 -2.41 7.41
N MET A 31 9.55 -3.03 7.48
CA MET A 31 9.69 -4.41 7.94
C MET A 31 9.24 -4.62 9.37
N THR A 32 9.50 -3.63 10.24
CA THR A 32 9.04 -3.63 11.64
C THR A 32 7.50 -3.73 11.66
N CYS A 33 6.83 -2.90 10.85
CA CYS A 33 5.36 -2.89 10.75
C CYS A 33 4.82 -4.17 10.16
N HIS A 34 5.48 -4.67 9.11
CA HIS A 34 5.11 -5.93 8.46
C HIS A 34 5.19 -7.08 9.47
N SER A 35 6.33 -7.24 10.17
CA SER A 35 6.50 -8.32 11.15
C SER A 35 5.39 -8.29 12.25
N LYS A 36 5.08 -7.07 12.74
CA LYS A 36 4.10 -6.89 13.81
C LYS A 36 2.68 -7.31 13.43
N TRP A 37 2.24 -6.94 12.20
CA TRP A 37 0.86 -7.08 11.75
C TRP A 37 0.54 -8.00 10.60
N ILE A 38 1.54 -8.60 9.93
CA ILE A 38 1.23 -9.49 8.79
C ILE A 38 0.30 -10.67 9.13
N GLY A 39 0.46 -11.23 10.33
CA GLY A 39 -0.28 -12.36 10.83
C GLY A 39 -1.78 -12.10 10.77
N GLN A 40 -2.20 -11.03 11.42
CA GLN A 40 -3.60 -10.68 11.41
C GLN A 40 -4.02 -10.13 10.04
N THR A 41 -3.12 -9.46 9.30
CA THR A 41 -3.48 -8.96 7.96
C THR A 41 -3.91 -10.11 7.04
N LYS A 42 -3.15 -11.20 7.06
CA LYS A 42 -3.44 -12.41 6.26
C LYS A 42 -4.76 -13.01 6.71
N ARG A 43 -5.04 -13.04 8.04
CA ARG A 43 -6.31 -13.56 8.53
C ARG A 43 -7.46 -12.72 8.00
N GLN A 44 -7.28 -11.39 8.00
CA GLN A 44 -8.32 -10.46 7.50
C GLN A 44 -8.58 -10.60 5.98
N MET A 45 -7.63 -11.13 5.21
CA MET A 45 -7.88 -11.38 3.77
C MET A 45 -8.90 -12.52 3.56
N ALA A 46 -9.13 -13.36 4.58
CA ALA A 46 -10.01 -14.52 4.51
C ALA A 46 -11.32 -14.25 5.25
N MET A 47 -11.74 -12.98 5.29
CA MET A 47 -12.98 -12.60 5.96
C MET A 47 -13.88 -11.86 5.01
N GLU A 48 -15.14 -12.25 4.97
CA GLU A 48 -16.09 -11.65 4.05
C GLU A 48 -16.61 -10.32 4.60
N GLY A 49 -17.39 -9.62 3.78
CA GLY A 49 -18.01 -8.37 4.17
C GLY A 49 -17.16 -7.15 3.90
N ILE A 50 -17.41 -6.10 4.68
CA ILE A 50 -16.71 -4.82 4.50
C ILE A 50 -15.19 -5.02 4.66
N PRO A 51 -14.35 -4.49 3.72
CA PRO A 51 -12.89 -4.64 3.85
C PRO A 51 -12.40 -4.17 5.21
N ARG A 52 -11.51 -4.96 5.84
CA ARG A 52 -11.03 -4.64 7.18
C ARG A 52 -9.74 -3.86 7.03
N GLY A 53 -9.58 -2.79 7.83
CA GLY A 53 -8.41 -1.91 7.79
C GLY A 53 -7.10 -2.64 7.98
N CYS A 54 -6.10 -2.28 7.18
CA CYS A 54 -4.81 -2.94 7.24
C CYS A 54 -3.93 -2.30 8.33
N CYS A 55 -3.58 -3.06 9.37
CA CYS A 55 -2.74 -2.53 10.45
C CYS A 55 -1.31 -2.32 10.08
N VAL A 56 -0.79 -3.10 9.08
CA VAL A 56 0.58 -2.91 8.61
C VAL A 56 0.68 -1.44 8.15
N ALA A 57 -0.29 -0.99 7.33
CA ALA A 57 -0.30 0.37 6.79
C ALA A 57 -0.50 1.43 7.86
N GLU A 58 -1.41 1.20 8.82
CA GLU A 58 -1.60 2.18 9.89
C GLU A 58 -0.29 2.35 10.69
N CYS A 59 0.43 1.25 10.93
CA CYS A 59 1.73 1.24 11.62
C CYS A 59 2.74 2.13 10.86
N VAL A 60 2.81 1.96 9.50
CA VAL A 60 3.69 2.72 8.63
C VAL A 60 3.32 4.20 8.71
N MET A 61 2.04 4.50 8.66
CA MET A 61 1.56 5.90 8.70
C MET A 61 1.85 6.53 10.05
N ASN A 62 1.70 5.76 11.14
CA ASN A 62 2.04 6.22 12.49
C ASN A 62 3.56 6.43 12.62
N SER A 63 4.38 5.59 11.95
CA SER A 63 5.85 5.75 12.05
C SER A 63 6.31 7.09 11.46
N THR A 64 5.52 7.67 10.54
CA THR A 64 5.83 8.94 9.86
C THR A 64 4.90 10.09 10.27
N SER A 65 4.12 9.91 11.36
CA SER A 65 3.14 10.89 11.91
C SER A 65 2.15 11.40 10.85
N LEU A 66 1.74 10.51 9.93
CA LEU A 66 0.83 10.92 8.85
C LEU A 66 -0.60 10.59 9.15
N TYR A 67 -0.84 9.72 10.13
CA TYR A 67 -2.19 9.29 10.47
C TYR A 67 -2.73 9.96 11.72
N SER A 68 -4.02 10.39 11.71
CA SER A 68 -4.70 10.95 12.88
C SER A 68 -6.21 10.78 12.79
N ASN A 69 -6.83 10.03 13.73
CA ASN A 69 -8.29 9.85 13.79
C ASN A 69 -8.97 9.80 12.41
N GLY A 70 -8.63 8.80 11.61
CA GLY A 70 -9.22 8.56 10.30
C GLY A 70 -8.79 9.43 9.15
N LYS A 71 -7.72 10.23 9.33
CA LYS A 71 -7.24 11.11 8.28
C LYS A 71 -5.76 10.93 8.04
N ILE A 72 -5.35 11.10 6.77
CA ILE A 72 -3.95 11.06 6.33
C ILE A 72 -3.55 12.48 5.94
N ASP A 73 -2.37 12.94 6.42
CA ASP A 73 -1.88 14.28 6.12
C ASP A 73 -1.31 14.26 4.70
N ARG A 74 -2.11 14.69 3.72
CA ARG A 74 -1.69 14.70 2.32
C ARG A 74 -0.45 15.57 2.05
N GLU A 75 -0.35 16.73 2.71
CA GLU A 75 0.79 17.64 2.51
C GLU A 75 2.10 16.97 2.94
N ALA A 76 2.13 16.43 4.16
CA ALA A 76 3.31 15.75 4.69
C ALA A 76 3.61 14.47 3.91
N LEU A 77 2.56 13.71 3.49
CA LEU A 77 2.78 12.50 2.70
C LEU A 77 3.43 12.84 1.37
N THR A 78 2.96 13.91 0.70
CA THR A 78 3.50 14.35 -0.60
C THR A 78 4.96 14.74 -0.44
N LYS A 79 5.30 15.51 0.62
CA LYS A 79 6.67 15.91 0.94
C LYS A 79 7.60 14.69 1.08
N LEU A 80 7.15 13.64 1.78
CA LEU A 80 7.94 12.41 1.95
C LEU A 80 8.16 11.67 0.66
N TYR A 81 7.08 11.44 -0.14
CA TYR A 81 7.24 10.77 -1.43
C TYR A 81 8.15 11.56 -2.34
N LEU A 82 7.95 12.91 -2.45
CA LEU A 82 8.81 13.76 -3.27
C LEU A 82 10.25 13.76 -2.81
N ASP A 83 10.50 13.67 -1.51
CA ASP A 83 11.87 13.51 -1.01
C ASP A 83 12.56 12.31 -1.61
N SER A 84 11.90 11.16 -1.63
CA SER A 84 12.50 9.95 -2.20
C SER A 84 12.81 10.08 -3.71
N THR A 85 12.05 10.93 -4.44
CA THR A 85 12.22 11.11 -5.90
C THR A 85 13.34 12.07 -6.31
N LYS A 86 13.87 12.88 -5.37
CA LYS A 86 14.88 13.91 -5.68
C LYS A 86 16.12 13.42 -6.41
N SER A 87 16.56 12.17 -6.13
CA SER A 87 17.73 11.60 -6.80
C SER A 87 17.35 10.48 -7.78
N MET A 88 16.04 10.33 -8.04
CA MET A 88 15.51 9.36 -8.98
C MET A 88 15.38 9.96 -10.38
N ALA A 89 15.00 9.13 -11.40
CA ALA A 89 14.77 9.59 -12.77
C ALA A 89 13.70 10.72 -12.75
N PRO A 90 13.83 11.78 -13.58
CA PRO A 90 12.90 12.92 -13.49
C PRO A 90 11.45 12.61 -13.77
N GLU A 91 11.18 11.49 -14.44
CA GLU A 91 9.82 11.02 -14.73
C GLU A 91 9.01 10.80 -13.44
N TRP A 92 9.68 10.43 -12.35
CA TRP A 92 9.03 10.14 -11.07
C TRP A 92 8.29 11.28 -10.38
N ASN A 93 8.68 12.54 -10.62
CA ASN A 93 8.00 13.70 -10.01
C ASN A 93 6.50 13.71 -10.35
N LYS A 94 6.19 13.77 -11.67
CA LYS A 94 4.81 13.78 -12.17
C LYS A 94 4.07 12.48 -11.89
N ILE A 95 4.74 11.33 -12.06
CA ILE A 95 4.12 10.02 -11.81
C ILE A 95 3.66 9.98 -10.35
N THR A 96 4.53 10.43 -9.42
CA THR A 96 4.24 10.46 -7.98
C THR A 96 3.10 11.41 -7.66
N LEU A 97 3.16 12.66 -8.15
CA LEU A 97 2.07 13.62 -7.92
C LEU A 97 0.72 13.11 -8.46
N ASP A 98 0.71 12.51 -9.68
CA ASP A 98 -0.50 11.94 -10.27
C ASP A 98 -1.01 10.76 -9.42
N ALA A 99 -0.09 9.89 -8.94
CA ALA A 99 -0.45 8.73 -8.12
C ALA A 99 -1.13 9.17 -6.81
N ILE A 100 -0.60 10.21 -6.14
CA ILE A 100 -1.17 10.75 -4.90
C ILE A 100 -2.58 11.31 -5.15
N ASP A 101 -2.74 12.07 -6.24
CA ASP A 101 -4.04 12.65 -6.59
C ASP A 101 -5.08 11.55 -6.83
N GLY A 102 -4.71 10.54 -7.60
CA GLY A 102 -5.61 9.44 -7.93
C GLY A 102 -6.01 8.59 -6.73
N CYS A 103 -5.06 8.37 -5.80
CA CYS A 103 -5.30 7.56 -4.60
C CYS A 103 -6.19 8.26 -3.60
N PHE A 104 -6.01 9.59 -3.42
CA PHE A 104 -6.85 10.37 -2.51
C PHE A 104 -8.26 10.52 -3.10
N LYS A 105 -8.35 10.65 -4.45
CA LYS A 105 -9.65 10.74 -5.16
C LYS A 105 -10.44 9.44 -4.97
N MET A 106 -9.75 8.29 -5.13
CA MET A 106 -10.32 6.95 -4.94
C MET A 106 -10.81 6.78 -3.51
N ALA A 107 -10.00 7.17 -2.51
CA ALA A 107 -10.36 7.05 -1.10
C ALA A 107 -11.62 7.83 -0.80
N ASP A 108 -11.74 9.06 -1.36
CA ASP A 108 -12.94 9.87 -1.17
C ASP A 108 -14.18 9.17 -1.75
N SER A 109 -14.02 8.47 -2.90
CA SER A 109 -15.15 7.79 -3.56
C SER A 109 -15.72 6.63 -2.74
N ILE A 110 -14.89 6.04 -1.84
CA ILE A 110 -15.30 4.94 -0.98
C ILE A 110 -15.32 5.33 0.52
N LYS A 111 -15.45 6.64 0.82
CA LYS A 111 -15.55 7.19 2.17
C LYS A 111 -16.50 6.36 3.04
N ASP A 112 -17.73 6.05 2.57
CA ASP A 112 -18.68 5.32 3.40
C ASP A 112 -18.21 3.93 3.82
N GLU A 113 -17.63 3.18 2.87
CA GLU A 113 -17.09 1.85 3.12
C GLU A 113 -15.90 1.93 4.08
N ILE A 114 -15.01 2.93 3.87
CA ILE A 114 -13.86 3.14 4.77
C ILE A 114 -14.37 3.43 6.20
N GLU A 115 -15.32 4.36 6.33
CA GLU A 115 -15.90 4.70 7.62
C GLU A 115 -16.59 3.54 8.34
N ALA A 116 -17.26 2.66 7.58
CA ALA A 116 -17.90 1.47 8.13
C ALA A 116 -16.85 0.47 8.60
N GLY A 117 -15.77 0.35 7.82
CA GLY A 117 -14.64 -0.51 8.15
C GLY A 117 -13.99 -0.10 9.48
N ALA A 118 -13.86 1.20 9.71
CA ALA A 118 -13.30 1.72 10.96
C ALA A 118 -14.14 1.32 12.20
N LYS A 119 -15.45 1.03 11.98
CA LYS A 119 -16.39 0.68 13.06
C LYS A 119 -16.61 -0.82 13.28
N LEU A 120 -15.86 -1.66 12.54
CA LEU A 120 -15.98 -3.11 12.67
C LEU A 120 -15.51 -3.56 14.07
N THR A 121 -16.11 -4.62 14.56
CA THR A 121 -15.73 -5.18 15.87
C THR A 121 -14.86 -6.40 15.64
N PRO A 122 -13.92 -6.72 16.57
CA PRO A 122 -13.06 -7.90 16.36
C PRO A 122 -13.84 -9.19 16.10
N ALA A 123 -13.55 -9.87 14.97
CA ALA A 123 -14.28 -11.10 14.60
C ALA A 123 -13.54 -12.40 14.92
N PHE A 124 -12.31 -12.26 15.41
CA PHE A 124 -11.60 -13.40 16.01
C PHE A 124 -10.67 -12.94 17.13
N GLU A 125 -10.11 -13.89 17.84
CA GLU A 125 -9.45 -13.61 19.11
C GLU A 125 -8.16 -12.81 18.89
N GLY A 126 -8.10 -11.63 19.49
CA GLY A 126 -6.92 -10.78 19.38
C GLY A 126 -6.84 -9.94 18.12
N GLU A 127 -7.93 -9.85 17.35
CA GLU A 127 -7.93 -9.02 16.15
C GLU A 127 -7.96 -7.56 16.56
N GLN A 128 -7.00 -6.78 16.10
CA GLN A 128 -6.96 -5.34 16.37
C GLN A 128 -7.57 -4.61 15.16
N ILE A 129 -8.60 -3.77 15.41
CA ILE A 129 -9.23 -3.04 14.33
C ILE A 129 -8.47 -1.76 14.05
N CYS A 130 -8.07 -1.54 12.80
CA CYS A 130 -7.37 -0.33 12.35
C CYS A 130 -8.26 0.41 11.37
N HIS A 131 -8.11 1.74 11.32
CA HIS A 131 -8.90 2.51 10.39
C HIS A 131 -8.44 2.16 8.97
N PRO A 132 -9.35 1.91 8.00
CA PRO A 132 -8.89 1.51 6.66
C PRO A 132 -8.17 2.60 5.85
N ILE A 133 -8.26 3.88 6.25
CA ILE A 133 -7.64 4.93 5.41
C ILE A 133 -6.15 4.69 5.10
N SER A 134 -5.36 4.30 6.11
CA SER A 134 -3.92 4.13 5.86
C SER A 134 -3.63 3.11 4.75
N GLY A 135 -4.27 1.94 4.83
CA GLY A 135 -4.11 0.88 3.84
C GLY A 135 -4.67 1.28 2.48
N THR A 136 -5.80 1.98 2.47
CA THR A 136 -6.40 2.43 1.19
C THR A 136 -5.37 3.26 0.42
N ILE A 137 -4.75 4.24 1.08
CA ILE A 137 -3.75 5.11 0.45
C ILE A 137 -2.49 4.37 0.08
N LEU A 138 -1.91 3.66 1.06
CA LEU A 138 -0.63 2.99 0.88
C LEU A 138 -0.66 1.89 -0.18
N ALA A 139 -1.72 1.05 -0.16
CA ALA A 139 -1.90 -0.03 -1.13
C ALA A 139 -1.95 0.55 -2.53
N CYS A 140 -2.77 1.59 -2.73
CA CYS A 140 -2.95 2.27 -4.00
C CYS A 140 -1.63 2.91 -4.45
N MET A 141 -0.90 3.55 -3.55
CA MET A 141 0.37 4.18 -3.92
C MET A 141 1.36 3.17 -4.47
N GLY A 142 1.58 2.11 -3.73
CA GLY A 142 2.52 1.09 -4.15
C GLY A 142 2.17 0.46 -5.49
N MET A 143 0.88 0.09 -5.67
CA MET A 143 0.47 -0.56 -6.92
C MET A 143 0.58 0.39 -8.10
N THR A 144 0.15 1.64 -7.91
CA THR A 144 0.18 2.64 -9.00
C THR A 144 1.62 2.99 -9.40
N LEU A 145 2.52 3.24 -8.42
CA LEU A 145 3.92 3.58 -8.73
C LEU A 145 4.61 2.49 -9.54
N PHE A 146 4.41 1.23 -9.13
CA PHE A 146 4.98 0.07 -9.81
C PHE A 146 4.47 -0.07 -11.26
N ALA A 147 3.15 0.10 -11.46
CA ALA A 147 2.48 0.01 -12.79
C ALA A 147 2.88 1.14 -13.74
N GLU A 148 3.22 2.31 -13.19
CA GLU A 148 3.60 3.48 -13.99
C GLU A 148 5.09 3.52 -14.34
N CYS A 149 5.84 2.58 -13.81
CA CYS A 149 7.28 2.51 -14.08
C CYS A 149 7.60 2.60 -15.60
N PRO A 150 8.40 3.58 -16.06
CA PRO A 150 8.78 3.62 -17.49
C PRO A 150 9.45 2.32 -17.92
N ALA A 151 9.16 1.80 -19.13
CA ALA A 151 9.74 0.54 -19.62
C ALA A 151 11.28 0.56 -19.54
N LYS A 152 11.89 1.73 -19.73
CA LYS A 152 13.35 1.89 -19.69
C LYS A 152 13.93 1.62 -18.28
N LEU A 153 13.06 1.69 -17.22
CA LEU A 153 13.43 1.48 -15.82
C LEU A 153 12.88 0.19 -15.24
N PHE A 154 12.21 -0.61 -16.08
CA PHE A 154 11.56 -1.84 -15.66
C PHE A 154 12.30 -3.04 -16.21
N THR A 155 12.53 -4.03 -15.36
CA THR A 155 13.24 -5.26 -15.78
C THR A 155 12.22 -6.12 -16.55
N VAL A 156 12.43 -6.28 -17.87
CA VAL A 156 11.53 -7.02 -18.74
C VAL A 156 11.90 -8.49 -18.77
N ASN A 157 11.37 -9.28 -17.80
CA ASN A 157 11.58 -10.72 -17.73
C ASN A 157 10.30 -11.40 -17.21
N ASP A 158 10.23 -12.73 -17.31
CA ASP A 158 9.09 -13.53 -16.88
C ASP A 158 8.68 -13.31 -15.44
N ASP A 159 9.66 -13.25 -14.53
CA ASP A 159 9.37 -13.08 -13.11
C ASP A 159 8.76 -11.72 -12.79
N CYS A 160 9.26 -10.67 -13.47
CA CYS A 160 8.70 -9.33 -13.29
C CYS A 160 7.37 -9.19 -13.97
N ASN A 161 7.10 -9.98 -15.06
CA ASN A 161 5.77 -10.00 -15.70
C ASN A 161 4.77 -10.58 -14.66
N LYS A 162 5.19 -11.65 -13.94
CA LYS A 162 4.36 -12.28 -12.89
C LYS A 162 4.06 -11.30 -11.75
N LEU A 163 5.08 -10.53 -11.32
CA LEU A 163 4.89 -9.52 -10.31
C LEU A 163 4.01 -8.37 -10.80
N LYS A 164 4.11 -8.00 -12.10
CA LYS A 164 3.26 -6.96 -12.71
C LYS A 164 1.79 -7.45 -12.63
N SER A 165 1.54 -8.70 -13.06
CA SER A 165 0.19 -9.28 -13.01
C SER A 165 -0.35 -9.30 -11.59
N TYR A 166 0.42 -9.88 -10.65
CA TYR A 166 0.00 -10.02 -9.26
C TYR A 166 -0.29 -8.69 -8.60
N HIS A 167 0.64 -7.74 -8.76
CA HIS A 167 0.57 -6.44 -8.11
C HIS A 167 -0.31 -5.40 -8.81
N SER A 168 -0.95 -5.79 -9.94
CA SER A 168 -1.94 -4.93 -10.58
C SER A 168 -3.22 -4.97 -9.73
N LYS A 169 -3.38 -6.03 -8.93
CA LYS A 169 -4.56 -6.22 -8.06
C LYS A 169 -4.23 -6.29 -6.59
N CYS A 170 -3.04 -6.85 -6.25
CA CYS A 170 -2.62 -7.05 -4.87
C CYS A 170 -1.52 -6.13 -4.41
N PRO A 171 -1.72 -5.49 -3.25
CA PRO A 171 -0.71 -4.55 -2.76
C PRO A 171 0.54 -5.21 -2.23
N PHE A 172 1.59 -4.42 -2.13
CA PHE A 172 2.87 -4.81 -1.58
C PHE A 172 2.69 -4.85 -0.06
N LEU A 173 2.72 -6.05 0.53
CA LEU A 173 2.51 -6.22 1.98
C LEU A 173 3.79 -6.32 2.81
#